data_4B55
#
_entry.id   4B55
#
_cell.length_a   51.840
_cell.length_b   51.840
_cell.length_c   176.750
_cell.angle_alpha   90.00
_cell.angle_beta   90.00
_cell.angle_gamma   90.00
#
_symmetry.space_group_name_H-M   'P 41 21 2'
#
loop_
_entity.id
_entity.type
_entity.pdbx_description
1 polymer 'ARYLAMINE N-ACETYLTRANSFERASE NAT'
2 non-polymer 3-hydroxy-1-phenylpropan-1-one
3 water water
#
_entity_poly.entity_id   1
_entity_poly.type   'polypeptide(L)'
_entity_poly.pdbx_seq_one_letter_code
;GSHMALDLTGYLDRINYRGATDPTLDVLRDLVSAHTGAIAFENLDPLMGVPVDDLSAEALADKLVDRRRGGYCYEHNGLI
GYVLAELGYRVRRLAGRVVWLAPPDAPTPAQTHTVLAVTFPGCQGPYLVDVGFGGMTPTAPLRLETGTVQQTALEPYRLD
DRGDGLVLQAMVRDEWQALYEFSTLTRPQVDLRVGSWFVSTHPTSHFVTGLMAATVADDARWNLMGRNLAIHRRGGTEKI
LLEDAAAVVDTLGDRFGINVADVGERGRLEARIDKVCFGAENR
;
_entity_poly.pdbx_strand_id   A
#
loop_
_chem_comp.id
_chem_comp.type
_chem_comp.name
_chem_comp.formula
P18 non-polymer 3-hydroxy-1-phenylpropan-1-one 'C9 H10 O2'
#
# COMPACT_ATOMS: atom_id res chain seq x y z
N LEU A 6 12.36 -16.21 -2.79
CA LEU A 6 12.13 -17.60 -3.17
C LEU A 6 11.27 -18.37 -2.14
N ASP A 7 10.91 -17.71 -1.03
CA ASP A 7 10.08 -18.26 0.04
C ASP A 7 8.60 -18.06 -0.33
N LEU A 8 8.20 -18.64 -1.48
CA LEU A 8 6.84 -18.56 -2.02
C LEU A 8 5.80 -19.10 -1.03
N THR A 9 6.09 -20.26 -0.42
CA THR A 9 5.22 -20.92 0.56
C THR A 9 4.97 -20.03 1.78
N GLY A 10 6.05 -19.47 2.33
CA GLY A 10 6.00 -18.58 3.48
C GLY A 10 5.06 -17.41 3.27
N TYR A 11 5.14 -16.81 2.06
CA TYR A 11 4.29 -15.70 1.66
C TYR A 11 2.82 -16.10 1.58
N LEU A 12 2.53 -17.23 0.91
CA LEU A 12 1.17 -17.72 0.70
C LEU A 12 0.49 -18.09 2.00
N ASP A 13 1.27 -18.60 2.98
CA ASP A 13 0.75 -18.94 4.31
C ASP A 13 0.48 -17.66 5.11
N ARG A 14 1.35 -16.64 4.95
CA ARG A 14 1.22 -15.34 5.60
C ARG A 14 -0.08 -14.63 5.20
N ILE A 15 -0.42 -14.68 3.91
CA ILE A 15 -1.64 -14.05 3.38
C ILE A 15 -2.84 -14.99 3.43
N ASN A 16 -2.64 -16.20 3.97
CA ASN A 16 -3.66 -17.25 4.11
C ASN A 16 -4.32 -17.62 2.77
N TYR A 17 -3.50 -17.76 1.72
CA TYR A 17 -3.95 -18.12 0.40
C TYR A 17 -3.94 -19.65 0.25
N ARG A 18 -4.99 -20.21 -0.33
CA ARG A 18 -5.12 -21.66 -0.48
C ARG A 18 -5.44 -22.13 -1.90
N GLY A 19 -5.81 -21.19 -2.78
CA GLY A 19 -6.19 -21.49 -4.16
C GLY A 19 -5.07 -21.93 -5.09
N ALA A 20 -5.37 -21.93 -6.40
CA ALA A 20 -4.42 -22.30 -7.45
C ALA A 20 -3.31 -21.26 -7.61
N THR A 21 -2.18 -21.65 -8.22
CA THR A 21 -1.02 -20.77 -8.38
C THR A 21 -0.64 -20.50 -9.84
N ASP A 22 -1.55 -20.81 -10.78
CA ASP A 22 -1.32 -20.58 -12.20
C ASP A 22 -1.48 -19.10 -12.54
N PRO A 23 -0.65 -18.56 -13.47
CA PRO A 23 -0.76 -17.14 -13.83
C PRO A 23 -2.04 -16.77 -14.59
N THR A 24 -3.15 -16.58 -13.86
CA THR A 24 -4.45 -16.23 -14.45
C THR A 24 -5.04 -14.97 -13.82
N LEU A 25 -6.17 -14.50 -14.35
CA LEU A 25 -6.90 -13.34 -13.85
C LEU A 25 -7.53 -13.61 -12.49
N ASP A 26 -8.14 -14.80 -12.33
CA ASP A 26 -8.79 -15.21 -11.08
C ASP A 26 -7.79 -15.33 -9.92
N VAL A 27 -6.61 -15.90 -10.20
CA VAL A 27 -5.53 -16.05 -9.21
C VAL A 27 -5.02 -14.66 -8.80
N LEU A 28 -4.84 -13.77 -9.79
CA LEU A 28 -4.38 -12.39 -9.53
C LEU A 28 -5.37 -11.66 -8.63
N ARG A 29 -6.68 -11.83 -8.88
CA ARG A 29 -7.75 -11.25 -8.07
C ARG A 29 -7.69 -11.80 -6.65
N ASP A 30 -7.61 -13.13 -6.52
CA ASP A 30 -7.56 -13.82 -5.23
C ASP A 30 -6.32 -13.50 -4.42
N LEU A 31 -5.18 -13.29 -5.09
CA LEU A 31 -3.92 -12.93 -4.43
C LEU A 31 -3.95 -11.51 -3.88
N VAL A 32 -4.44 -10.55 -4.69
CA VAL A 32 -4.56 -9.14 -4.31
C VAL A 32 -5.53 -9.00 -3.11
N SER A 33 -6.65 -9.74 -3.13
CA SER A 33 -7.64 -9.72 -2.05
C SER A 33 -7.06 -10.32 -0.75
N ALA A 34 -6.28 -11.41 -0.87
CA ALA A 34 -5.65 -12.07 0.29
C ALA A 34 -4.54 -11.20 0.87
N HIS A 35 -3.72 -10.57 0.01
CA HIS A 35 -2.63 -9.70 0.41
C HIS A 35 -3.12 -8.46 1.17
N THR A 36 -4.09 -7.74 0.58
CA THR A 36 -4.65 -6.51 1.17
C THR A 36 -5.39 -6.74 2.49
N GLY A 37 -5.92 -7.95 2.67
CA GLY A 37 -6.63 -8.30 3.89
C GLY A 37 -5.75 -8.85 4.99
N ALA A 38 -4.50 -9.21 4.67
CA ALA A 38 -3.59 -9.82 5.62
C ALA A 38 -2.39 -8.97 6.04
N ILE A 39 -1.79 -8.23 5.10
CA ILE A 39 -0.61 -7.41 5.39
C ILE A 39 -0.95 -5.93 5.46
N ALA A 40 -0.88 -5.36 6.66
CA ALA A 40 -1.19 -3.96 6.89
C ALA A 40 -0.21 -3.00 6.25
N PHE A 41 -0.69 -1.79 5.97
CA PHE A 41 0.13 -0.68 5.53
C PHE A 41 0.57 -0.03 6.85
N GLU A 42 1.86 0.29 6.97
CA GLU A 42 2.40 0.96 8.16
C GLU A 42 3.74 1.61 7.86
N ASN A 43 4.09 2.63 8.64
CA ASN A 43 5.35 3.36 8.48
C ASN A 43 6.13 3.40 9.81
N LEU A 44 6.05 2.33 10.61
CA LEU A 44 6.73 2.26 11.90
C LEU A 44 8.24 2.41 11.80
N ASP A 45 8.84 1.90 10.72
CA ASP A 45 10.29 2.03 10.50
C ASP A 45 10.70 3.49 10.28
N PRO A 46 10.17 4.20 9.25
CA PRO A 46 10.52 5.62 9.06
C PRO A 46 10.19 6.51 10.28
N LEU A 47 9.08 6.20 10.99
CA LEU A 47 8.67 6.94 12.19
C LEU A 47 9.71 6.80 13.30
N MET A 48 10.32 5.60 13.42
CA MET A 48 11.33 5.30 14.43
C MET A 48 12.76 5.63 13.99
N GLY A 49 12.89 6.26 12.82
CA GLY A 49 14.18 6.65 12.27
C GLY A 49 14.91 5.53 11.55
N VAL A 50 14.17 4.48 11.16
CA VAL A 50 14.70 3.34 10.43
C VAL A 50 14.33 3.50 8.94
N PRO A 51 15.33 3.75 8.07
CA PRO A 51 15.05 3.92 6.64
C PRO A 51 14.60 2.63 5.94
N VAL A 52 13.89 2.81 4.80
CA VAL A 52 13.47 1.71 3.92
C VAL A 52 14.35 1.89 2.69
N ASP A 53 15.51 1.22 2.72
CA ASP A 53 16.56 1.30 1.72
C ASP A 53 16.74 0.01 0.91
N ASP A 54 16.50 -1.15 1.53
CA ASP A 54 16.67 -2.45 0.90
C ASP A 54 15.36 -2.99 0.33
N LEU A 55 15.24 -2.94 -1.00
CA LEU A 55 14.03 -3.37 -1.71
C LEU A 55 14.17 -4.72 -2.43
N SER A 56 15.14 -5.53 -2.01
CA SER A 56 15.35 -6.86 -2.58
C SER A 56 14.27 -7.82 -2.09
N ALA A 57 14.07 -8.93 -2.80
CA ALA A 57 13.08 -9.96 -2.46
C ALA A 57 13.31 -10.51 -1.05
N GLU A 58 14.57 -10.73 -0.70
CA GLU A 58 14.98 -11.30 0.59
C GLU A 58 14.69 -10.39 1.77
N ALA A 59 15.00 -9.09 1.65
CA ALA A 59 14.77 -8.11 2.72
C ALA A 59 13.29 -7.86 2.97
N LEU A 60 12.49 -7.77 1.90
CA LEU A 60 11.05 -7.52 2.00
C LEU A 60 10.29 -8.71 2.54
N ALA A 61 10.69 -9.93 2.16
CA ALA A 61 10.09 -11.17 2.66
C ALA A 61 10.47 -11.39 4.13
N ASP A 62 11.69 -10.99 4.52
CA ASP A 62 12.15 -11.09 5.90
C ASP A 62 11.26 -10.25 6.81
N LYS A 63 10.97 -9.00 6.40
CA LYS A 63 10.17 -8.08 7.19
C LYS A 63 8.67 -8.38 7.13
N LEU A 64 8.09 -8.37 5.93
CA LEU A 64 6.65 -8.51 5.72
C LEU A 64 6.08 -9.90 5.92
N VAL A 65 6.92 -10.94 5.81
CA VAL A 65 6.46 -12.32 5.98
C VAL A 65 6.96 -12.93 7.29
N ASP A 66 8.28 -13.12 7.41
CA ASP A 66 8.91 -13.77 8.55
C ASP A 66 8.73 -13.05 9.87
N ARG A 67 8.86 -11.72 9.85
CA ARG A 67 8.76 -10.90 11.04
C ARG A 67 7.35 -10.39 11.31
N ARG A 68 6.39 -10.73 10.42
CA ARG A 68 4.97 -10.38 10.53
C ARG A 68 4.74 -8.87 10.70
N ARG A 69 5.49 -8.06 9.95
CA ARG A 69 5.35 -6.61 9.95
C ARG A 69 4.58 -6.19 8.70
N GLY A 70 4.19 -4.93 8.66
CA GLY A 70 3.59 -4.32 7.49
C GLY A 70 4.65 -3.49 6.80
N GLY A 71 4.22 -2.55 5.96
CA GLY A 71 5.12 -1.65 5.26
C GLY A 71 4.39 -0.65 4.40
N TYR A 72 5.12 0.13 3.60
CA TYR A 72 4.50 1.06 2.67
C TYR A 72 4.58 0.61 1.20
N CYS A 73 4.25 1.50 0.25
CA CYS A 73 4.18 1.20 -1.17
C CYS A 73 5.35 0.43 -1.77
N TYR A 74 6.58 0.87 -1.49
CA TYR A 74 7.78 0.23 -1.99
C TYR A 74 7.94 -1.19 -1.47
N GLU A 75 7.48 -1.42 -0.23
CA GLU A 75 7.55 -2.71 0.43
C GLU A 75 6.44 -3.66 -0.02
N HIS A 76 5.21 -3.14 -0.14
CA HIS A 76 4.04 -3.94 -0.54
C HIS A 76 4.11 -4.35 -2.00
N ASN A 77 4.27 -3.36 -2.91
CA ASN A 77 4.33 -3.60 -4.35
C ASN A 77 5.63 -4.25 -4.79
N GLY A 78 6.67 -4.07 -3.97
CA GLY A 78 7.96 -4.73 -4.16
C GLY A 78 7.79 -6.23 -3.94
N LEU A 79 7.24 -6.61 -2.78
CA LEU A 79 7.01 -8.01 -2.41
C LEU A 79 6.08 -8.76 -3.35
N ILE A 80 4.87 -8.23 -3.59
CA ILE A 80 3.90 -8.86 -4.48
C ILE A 80 4.43 -8.96 -5.92
N GLY A 81 5.24 -7.98 -6.32
CA GLY A 81 5.88 -7.95 -7.63
C GLY A 81 6.81 -9.12 -7.84
N TYR A 82 7.59 -9.47 -6.79
CA TYR A 82 8.50 -10.61 -6.82
C TYR A 82 7.73 -11.92 -6.84
N VAL A 83 6.63 -11.99 -6.06
CA VAL A 83 5.77 -13.17 -5.98
C VAL A 83 5.13 -13.46 -7.33
N LEU A 84 4.53 -12.44 -7.96
CA LEU A 84 3.86 -12.57 -9.25
C LEU A 84 4.82 -12.99 -10.35
N ALA A 85 6.05 -12.45 -10.34
CA ALA A 85 7.09 -12.81 -11.31
C ALA A 85 7.45 -14.28 -11.21
N GLU A 86 7.54 -14.81 -9.97
CA GLU A 86 7.84 -16.22 -9.69
C GLU A 86 6.72 -17.13 -10.17
N LEU A 87 5.47 -16.66 -10.12
CA LEU A 87 4.30 -17.44 -10.55
C LEU A 87 4.11 -17.48 -12.07
N GLY A 88 4.81 -16.60 -12.79
CA GLY A 88 4.74 -16.57 -14.24
C GLY A 88 4.14 -15.32 -14.85
N TYR A 89 3.78 -14.34 -14.01
CA TYR A 89 3.25 -13.07 -14.47
C TYR A 89 4.41 -12.19 -14.95
N ARG A 90 4.17 -11.36 -15.96
CA ARG A 90 5.16 -10.38 -16.44
C ARG A 90 4.90 -9.09 -15.66
N VAL A 91 5.89 -8.66 -14.88
CA VAL A 91 5.77 -7.50 -13.99
C VAL A 91 6.67 -6.35 -14.40
N ARG A 92 6.08 -5.17 -14.57
CA ARG A 92 6.83 -3.94 -14.83
C ARG A 92 6.57 -2.97 -13.69
N ARG A 93 7.65 -2.47 -13.08
CA ARG A 93 7.56 -1.54 -11.94
C ARG A 93 7.50 -0.11 -12.44
N LEU A 94 6.48 0.63 -11.98
CA LEU A 94 6.25 2.01 -12.39
C LEU A 94 6.40 2.98 -11.22
N ALA A 95 6.57 4.28 -11.51
CA ALA A 95 6.69 5.33 -10.50
C ALA A 95 5.52 6.32 -10.63
N GLY A 96 5.06 6.83 -9.49
CA GLY A 96 3.94 7.76 -9.46
C GLY A 96 4.08 8.92 -8.49
N ARG A 97 3.30 9.98 -8.74
CA ARG A 97 3.24 11.18 -7.89
C ARG A 97 1.86 11.24 -7.25
N VAL A 98 1.82 11.33 -5.91
CA VAL A 98 0.57 11.33 -5.15
C VAL A 98 -0.10 12.70 -5.12
N VAL A 99 -1.37 12.76 -5.57
CA VAL A 99 -2.16 14.00 -5.65
C VAL A 99 -3.44 13.95 -4.80
N TRP A 100 -3.54 12.96 -3.89
CA TRP A 100 -4.72 12.75 -3.05
C TRP A 100 -5.11 13.98 -2.22
N LEU A 101 -6.39 14.40 -2.36
CA LEU A 101 -7.01 15.56 -1.71
C LEU A 101 -6.47 16.93 -2.18
N ALA A 102 -5.50 16.90 -3.11
CA ALA A 102 -4.91 18.13 -3.62
C ALA A 102 -5.67 18.67 -4.84
N PRO A 103 -5.82 20.00 -4.93
CA PRO A 103 -6.47 20.61 -6.12
C PRO A 103 -5.57 20.49 -7.36
N PRO A 104 -6.11 20.70 -8.59
CA PRO A 104 -5.26 20.59 -9.80
C PRO A 104 -4.12 21.59 -9.89
N ASP A 105 -4.23 22.74 -9.19
CA ASP A 105 -3.21 23.78 -9.21
C ASP A 105 -2.19 23.65 -8.07
N ALA A 106 -2.18 22.49 -7.39
CA ALA A 106 -1.23 22.19 -6.33
C ALA A 106 0.18 22.02 -6.90
N PRO A 107 1.25 22.25 -6.09
CA PRO A 107 2.62 22.07 -6.59
C PRO A 107 2.90 20.63 -6.99
N THR A 108 3.74 20.44 -8.03
CA THR A 108 4.11 19.11 -8.50
C THR A 108 4.69 18.26 -7.37
N PRO A 109 4.03 17.12 -7.06
CA PRO A 109 4.54 16.24 -5.99
C PRO A 109 5.73 15.42 -6.45
N ALA A 110 6.53 14.94 -5.49
CA ALA A 110 7.68 14.09 -5.78
C ALA A 110 7.19 12.70 -6.22
N GLN A 111 8.05 11.96 -6.95
CA GLN A 111 7.75 10.60 -7.37
C GLN A 111 8.08 9.67 -6.19
N THR A 112 7.11 9.50 -5.28
CA THR A 112 7.31 8.70 -4.06
C THR A 112 6.39 7.48 -3.98
N HIS A 113 5.68 7.18 -5.07
CA HIS A 113 4.80 6.03 -5.13
C HIS A 113 5.27 5.07 -6.21
N THR A 114 5.03 3.78 -6.01
CA THR A 114 5.36 2.74 -6.99
C THR A 114 4.19 1.80 -7.19
N VAL A 115 3.88 1.51 -8.46
CA VAL A 115 2.79 0.61 -8.85
C VAL A 115 3.31 -0.43 -9.85
N LEU A 116 2.47 -1.41 -10.16
CA LEU A 116 2.85 -2.48 -11.07
C LEU A 116 1.93 -2.60 -12.27
N ALA A 117 2.52 -2.84 -13.45
CA ALA A 117 1.80 -3.16 -14.68
C ALA A 117 2.02 -4.66 -14.91
N VAL A 118 0.93 -5.43 -14.89
CA VAL A 118 0.98 -6.88 -14.93
C VAL A 118 0.27 -7.50 -16.13
N THR A 119 0.94 -8.45 -16.78
CA THR A 119 0.39 -9.25 -17.87
C THR A 119 0.59 -10.72 -17.55
N PHE A 120 -0.21 -11.59 -18.17
CA PHE A 120 -0.15 -13.03 -17.98
C PHE A 120 -0.63 -13.76 -19.23
N PRO A 121 -0.29 -15.06 -19.39
CA PRO A 121 -0.74 -15.81 -20.56
C PRO A 121 -2.27 -15.78 -20.78
N GLY A 122 -2.67 -15.25 -21.94
CA GLY A 122 -4.07 -15.17 -22.34
C GLY A 122 -4.80 -13.91 -21.94
N CYS A 123 -4.08 -12.93 -21.35
CA CYS A 123 -4.69 -11.66 -20.93
C CYS A 123 -5.07 -10.80 -22.11
N GLN A 124 -6.23 -10.13 -22.01
CA GLN A 124 -6.75 -9.22 -23.04
C GLN A 124 -5.95 -7.91 -23.06
N GLY A 125 -5.34 -7.59 -21.92
CA GLY A 125 -4.52 -6.40 -21.75
C GLY A 125 -3.80 -6.33 -20.43
N PRO A 126 -2.97 -5.27 -20.25
CA PRO A 126 -2.24 -5.10 -18.98
C PRO A 126 -3.14 -4.72 -17.81
N TYR A 127 -2.71 -5.05 -16.59
CA TYR A 127 -3.46 -4.75 -15.37
C TYR A 127 -2.63 -3.97 -14.37
N LEU A 128 -3.26 -2.98 -13.73
CA LEU A 128 -2.64 -2.21 -12.68
C LEU A 128 -2.80 -2.94 -11.34
N VAL A 129 -1.69 -3.17 -10.66
CA VAL A 129 -1.68 -3.80 -9.35
C VAL A 129 -1.04 -2.83 -8.36
N ASP A 130 -1.80 -2.45 -7.34
CA ASP A 130 -1.34 -1.56 -6.28
C ASP A 130 -1.92 -2.00 -4.94
N VAL A 131 -1.06 -2.60 -4.11
CA VAL A 131 -1.44 -3.07 -2.78
C VAL A 131 -0.71 -2.25 -1.69
N GLY A 132 -0.11 -1.13 -2.09
CA GLY A 132 0.68 -0.31 -1.17
C GLY A 132 0.26 1.13 -0.99
N PHE A 133 -0.90 1.51 -1.54
CA PHE A 133 -1.40 2.87 -1.39
C PHE A 133 -2.28 3.01 -0.14
N GLY A 134 -1.63 2.99 1.02
CA GLY A 134 -2.23 3.14 2.35
C GLY A 134 -3.73 2.93 2.49
N GLY A 135 -4.40 4.03 2.81
CA GLY A 135 -5.84 4.13 3.07
C GLY A 135 -6.80 4.01 1.91
N MET A 136 -6.30 4.01 0.66
CA MET A 136 -7.17 3.92 -0.52
C MET A 136 -6.66 2.94 -1.60
N THR A 137 -5.87 1.94 -1.20
CA THR A 137 -5.32 0.97 -2.15
C THR A 137 -6.43 0.12 -2.77
N PRO A 138 -6.44 -0.03 -4.13
CA PRO A 138 -7.44 -0.89 -4.76
C PRO A 138 -7.22 -2.35 -4.38
N THR A 139 -8.28 -3.00 -3.87
CA THR A 139 -8.23 -4.40 -3.41
C THR A 139 -8.47 -5.38 -4.55
N ALA A 140 -8.36 -4.90 -5.78
CA ALA A 140 -8.50 -5.71 -6.97
C ALA A 140 -7.57 -5.23 -8.06
N PRO A 141 -7.06 -6.14 -8.93
CA PRO A 141 -6.29 -5.68 -10.09
C PRO A 141 -7.23 -4.90 -11.02
N LEU A 142 -6.77 -3.78 -11.55
CA LEU A 142 -7.60 -2.94 -12.41
C LEU A 142 -7.12 -2.97 -13.85
N ARG A 143 -8.05 -3.05 -14.81
CA ARG A 143 -7.75 -3.01 -16.23
C ARG A 143 -7.00 -1.70 -16.49
N LEU A 144 -5.82 -1.79 -17.11
CA LEU A 144 -5.02 -0.60 -17.41
C LEU A 144 -5.57 0.06 -18.68
N GLU A 145 -6.78 0.62 -18.57
CA GLU A 145 -7.49 1.28 -19.65
C GLU A 145 -8.22 2.52 -19.16
N THR A 146 -8.30 3.54 -20.01
CA THR A 146 -8.93 4.82 -19.65
C THR A 146 -10.43 4.88 -19.90
N GLY A 147 -11.13 5.65 -19.06
CA GLY A 147 -12.56 5.90 -19.19
C GLY A 147 -13.51 4.96 -18.48
N THR A 148 -13.13 3.68 -18.35
CA THR A 148 -13.97 2.65 -17.75
C THR A 148 -14.07 2.77 -16.24
N VAL A 149 -15.30 2.69 -15.71
CA VAL A 149 -15.54 2.69 -14.26
C VAL A 149 -15.36 1.24 -13.80
N GLN A 150 -14.46 1.03 -12.84
CA GLN A 150 -14.14 -0.30 -12.33
C GLN A 150 -14.50 -0.44 -10.86
N GLN A 151 -15.64 -1.07 -10.59
CA GLN A 151 -16.12 -1.30 -9.23
C GLN A 151 -15.37 -2.44 -8.56
N THR A 152 -14.90 -2.20 -7.33
CA THR A 152 -14.20 -3.21 -6.53
C THR A 152 -15.12 -3.71 -5.41
N ALA A 153 -14.57 -4.44 -4.43
CA ALA A 153 -15.28 -4.90 -3.26
C ALA A 153 -15.60 -3.71 -2.35
N LEU A 154 -14.90 -2.58 -2.56
CA LEU A 154 -15.09 -1.36 -1.80
C LEU A 154 -15.52 -0.23 -2.74
N GLU A 155 -14.64 0.76 -2.94
CA GLU A 155 -14.94 1.91 -3.80
C GLU A 155 -14.78 1.59 -5.28
N PRO A 156 -15.48 2.33 -6.18
CA PRO A 156 -15.20 2.18 -7.61
C PRO A 156 -13.96 3.01 -8.00
N TYR A 157 -13.24 2.57 -9.04
CA TYR A 157 -12.03 3.25 -9.52
C TYR A 157 -12.14 3.57 -11.01
N ARG A 158 -11.34 4.55 -11.46
CA ARG A 158 -11.32 4.97 -12.86
C ARG A 158 -9.95 5.52 -13.23
N LEU A 159 -9.46 5.15 -14.41
CA LEU A 159 -8.20 5.65 -14.95
C LEU A 159 -8.50 6.65 -16.05
N ASP A 160 -7.72 7.73 -16.10
CA ASP A 160 -7.86 8.76 -17.13
C ASP A 160 -6.51 9.20 -17.66
N ASP A 161 -6.46 9.61 -18.93
CA ASP A 161 -5.23 10.04 -19.58
C ASP A 161 -4.89 11.48 -19.20
N ARG A 162 -3.76 11.65 -18.49
CA ARG A 162 -3.32 12.97 -18.03
C ARG A 162 -1.91 13.30 -18.55
N GLY A 163 -1.88 14.06 -19.65
CA GLY A 163 -0.65 14.48 -20.30
C GLY A 163 0.11 13.33 -20.94
N ASP A 164 1.35 13.09 -20.48
CA ASP A 164 2.22 12.03 -20.97
C ASP A 164 2.05 10.72 -20.18
N GLY A 165 1.12 10.72 -19.23
CA GLY A 165 0.85 9.55 -18.39
C GLY A 165 -0.62 9.34 -18.08
N LEU A 166 -0.88 8.68 -16.95
CA LEU A 166 -2.25 8.38 -16.51
C LEU A 166 -2.49 8.88 -15.09
N VAL A 167 -3.77 8.96 -14.69
CA VAL A 167 -4.17 9.32 -13.33
C VAL A 167 -5.21 8.32 -12.82
N LEU A 168 -4.98 7.77 -11.63
CA LEU A 168 -5.94 6.88 -11.00
C LEU A 168 -6.86 7.70 -10.11
N GLN A 169 -8.17 7.51 -10.30
CA GLN A 169 -9.20 8.19 -9.51
C GLN A 169 -10.11 7.19 -8.83
N ALA A 170 -10.71 7.60 -7.70
CA ALA A 170 -11.63 6.76 -6.94
C ALA A 170 -12.76 7.59 -6.35
N MET A 171 -13.98 7.01 -6.29
N MET A 171 -13.98 7.01 -6.28
CA MET A 171 -15.12 7.72 -5.72
CA MET A 171 -15.13 7.71 -5.72
C MET A 171 -15.12 7.57 -4.20
C MET A 171 -15.13 7.57 -4.20
N VAL A 172 -14.54 8.55 -3.51
CA VAL A 172 -14.45 8.62 -2.05
C VAL A 172 -15.59 9.51 -1.59
N ARG A 173 -16.45 8.97 -0.71
CA ARG A 173 -17.65 9.64 -0.21
C ARG A 173 -18.62 9.93 -1.37
N ASP A 174 -18.74 11.19 -1.79
CA ASP A 174 -19.66 11.58 -2.85
C ASP A 174 -19.02 12.17 -4.10
N GLU A 175 -17.67 12.12 -4.21
CA GLU A 175 -16.99 12.70 -5.37
C GLU A 175 -15.79 11.88 -5.86
N TRP A 176 -15.47 12.00 -7.16
CA TRP A 176 -14.30 11.36 -7.77
C TRP A 176 -13.05 12.11 -7.33
N GLN A 177 -12.15 11.40 -6.63
CA GLN A 177 -10.91 11.97 -6.12
C GLN A 177 -9.72 11.40 -6.85
N ALA A 178 -8.83 12.28 -7.34
CA ALA A 178 -7.59 11.86 -7.99
C ALA A 178 -6.62 11.38 -6.90
N LEU A 179 -6.17 10.13 -7.01
CA LEU A 179 -5.28 9.53 -6.03
C LEU A 179 -3.82 9.78 -6.36
N TYR A 180 -3.40 9.35 -7.55
CA TYR A 180 -2.03 9.54 -8.03
C TYR A 180 -1.93 9.51 -9.55
N GLU A 181 -0.94 10.22 -10.08
CA GLU A 181 -0.64 10.24 -11.50
C GLU A 181 0.66 9.48 -11.74
N PHE A 182 0.71 8.68 -12.81
CA PHE A 182 1.88 7.85 -13.09
C PHE A 182 2.16 7.66 -14.57
N SER A 183 3.43 7.38 -14.90
CA SER A 183 3.88 7.06 -16.25
C SER A 183 3.88 5.53 -16.38
N THR A 184 3.60 5.03 -17.59
CA THR A 184 3.59 3.59 -17.88
C THR A 184 4.97 3.08 -18.28
N LEU A 185 5.99 3.95 -18.21
CA LEU A 185 7.37 3.59 -18.54
C LEU A 185 7.99 2.81 -17.37
N THR A 186 8.73 1.74 -17.70
CA THR A 186 9.41 0.92 -16.70
C THR A 186 10.50 1.72 -16.01
N ARG A 187 10.51 1.67 -14.68
CA ARG A 187 11.54 2.35 -13.89
C ARG A 187 12.50 1.35 -13.27
N PRO A 188 13.83 1.57 -13.46
CA PRO A 188 14.82 0.67 -12.84
C PRO A 188 14.75 0.66 -11.31
N GLN A 189 15.16 -0.46 -10.69
CA GLN A 189 15.13 -0.66 -9.24
CA GLN A 189 15.14 -0.67 -9.24
C GLN A 189 15.82 0.47 -8.48
N VAL A 190 16.95 0.98 -9.01
CA VAL A 190 17.73 2.06 -8.38
C VAL A 190 16.92 3.35 -8.19
N ASP A 191 16.05 3.68 -9.15
CA ASP A 191 15.18 4.85 -9.09
C ASP A 191 14.17 4.71 -7.97
N LEU A 192 13.69 3.47 -7.73
CA LEU A 192 12.74 3.17 -6.65
C LEU A 192 13.42 3.28 -5.30
N ARG A 193 14.69 2.87 -5.22
CA ARG A 193 15.49 2.98 -3.99
C ARG A 193 15.68 4.45 -3.62
N VAL A 194 15.93 5.31 -4.63
CA VAL A 194 16.12 6.76 -4.46
C VAL A 194 14.83 7.40 -3.91
N GLY A 195 13.69 6.98 -4.44
CA GLY A 195 12.38 7.46 -4.02
C GLY A 195 12.03 7.01 -2.61
N SER A 196 12.29 5.73 -2.31
CA SER A 196 12.03 5.14 -0.99
C SER A 196 12.90 5.77 0.08
N TRP A 197 14.17 6.07 -0.25
CA TRP A 197 15.09 6.73 0.68
C TRP A 197 14.53 8.11 1.05
N PHE A 198 14.08 8.87 0.04
CA PHE A 198 13.51 10.21 0.24
C PHE A 198 12.30 10.18 1.17
N VAL A 199 11.32 9.33 0.86
CA VAL A 199 10.09 9.22 1.65
C VAL A 199 10.25 8.65 3.05
N SER A 200 11.36 7.92 3.30
CA SER A 200 11.61 7.31 4.60
C SER A 200 12.63 8.06 5.47
N THR A 201 13.32 9.07 4.91
CA THR A 201 14.38 9.79 5.64
C THR A 201 14.21 11.31 5.68
N HIS A 202 13.54 11.89 4.68
CA HIS A 202 13.38 13.34 4.61
C HIS A 202 12.55 13.91 5.75
N PRO A 203 13.08 14.94 6.45
CA PRO A 203 12.35 15.55 7.58
C PRO A 203 10.94 16.07 7.28
N THR A 204 10.63 16.37 6.01
CA THR A 204 9.32 16.89 5.60
C THR A 204 8.32 15.79 5.27
N SER A 205 8.80 14.56 5.02
CA SER A 205 7.96 13.42 4.67
C SER A 205 6.92 13.13 5.73
N HIS A 206 5.68 12.85 5.29
CA HIS A 206 4.55 12.52 6.17
C HIS A 206 4.78 11.20 6.89
N PHE A 207 5.66 10.35 6.35
CA PHE A 207 5.99 9.06 6.94
C PHE A 207 7.08 9.16 8.01
N VAL A 208 7.72 10.34 8.10
CA VAL A 208 8.74 10.61 9.11
C VAL A 208 8.10 11.40 10.26
N THR A 209 7.25 12.39 9.91
CA THR A 209 6.61 13.29 10.87
C THR A 209 5.41 12.72 11.59
N GLY A 210 4.74 11.73 10.99
CA GLY A 210 3.53 11.15 11.57
C GLY A 210 3.39 9.66 11.45
N LEU A 211 2.27 9.14 12.00
CA LEU A 211 1.96 7.72 11.97
C LEU A 211 0.78 7.46 11.04
N MET A 212 0.93 6.45 10.17
CA MET A 212 -0.13 6.02 9.27
C MET A 212 -0.18 4.50 9.18
N ALA A 213 -1.38 3.95 9.41
CA ALA A 213 -1.63 2.51 9.31
C ALA A 213 -2.96 2.26 8.62
N ALA A 214 -3.02 1.22 7.78
CA ALA A 214 -4.23 0.88 7.05
C ALA A 214 -4.36 -0.61 6.75
N THR A 215 -5.60 -1.11 6.80
CA THR A 215 -5.94 -2.50 6.48
C THR A 215 -7.38 -2.60 5.96
N VAL A 216 -7.73 -3.78 5.44
CA VAL A 216 -9.08 -4.08 4.96
C VAL A 216 -9.53 -5.36 5.65
N ALA A 217 -10.70 -5.31 6.31
CA ALA A 217 -11.27 -6.47 7.01
C ALA A 217 -12.76 -6.41 7.19
N ASP A 218 -13.48 -7.15 6.31
CA ASP A 218 -14.92 -7.37 6.28
C ASP A 218 -15.73 -6.26 5.67
N ASP A 219 -15.43 -5.97 4.38
CA ASP A 219 -16.11 -4.96 3.54
C ASP A 219 -15.93 -3.55 4.08
N ALA A 220 -14.84 -3.36 4.83
CA ALA A 220 -14.55 -2.10 5.49
C ALA A 220 -13.07 -1.75 5.43
N ARG A 221 -12.77 -0.45 5.49
CA ARG A 221 -11.40 0.06 5.53
C ARG A 221 -11.08 0.58 6.92
N TRP A 222 -9.98 0.09 7.50
CA TRP A 222 -9.50 0.55 8.81
C TRP A 222 -8.31 1.47 8.57
N ASN A 223 -8.52 2.77 8.74
CA ASN A 223 -7.48 3.78 8.52
C ASN A 223 -7.08 4.50 9.81
N LEU A 224 -5.77 4.59 10.05
CA LEU A 224 -5.25 5.25 11.23
C LEU A 224 -4.28 6.37 10.88
N MET A 225 -4.63 7.59 11.29
CA MET A 225 -3.77 8.78 11.11
C MET A 225 -3.45 9.30 12.51
N GLY A 226 -2.31 8.87 13.04
CA GLY A 226 -1.89 9.22 14.39
C GLY A 226 -2.76 8.55 15.43
N ARG A 227 -3.50 9.35 16.20
CA ARG A 227 -4.42 8.87 17.23
C ARG A 227 -5.86 8.83 16.69
N ASN A 228 -6.03 9.17 15.41
CA ASN A 228 -7.34 9.21 14.76
C ASN A 228 -7.61 7.94 13.97
N LEU A 229 -8.48 7.08 14.53
CA LEU A 229 -8.88 5.85 13.88
C LEU A 229 -10.21 6.03 13.17
N ALA A 230 -10.25 5.66 11.88
CA ALA A 230 -11.45 5.76 11.06
C ALA A 230 -11.80 4.42 10.43
N ILE A 231 -13.06 3.99 10.59
CA ILE A 231 -13.56 2.74 10.01
C ILE A 231 -14.57 3.10 8.93
N HIS A 232 -14.16 2.96 7.66
CA HIS A 232 -15.02 3.28 6.52
C HIS A 232 -15.78 2.06 6.03
N ARG A 233 -17.12 2.10 6.15
CA ARG A 233 -18.00 1.02 5.71
C ARG A 233 -18.89 1.52 4.57
N ARG A 234 -19.63 0.58 3.94
CA ARG A 234 -20.58 0.86 2.85
C ARG A 234 -21.69 1.80 3.33
N GLY A 235 -22.14 1.59 4.57
CA GLY A 235 -23.18 2.40 5.21
C GLY A 235 -22.70 3.79 5.58
N GLY A 236 -21.54 3.86 6.23
CA GLY A 236 -20.95 5.13 6.65
C GLY A 236 -19.55 5.04 7.22
N THR A 237 -19.19 6.02 8.04
CA THR A 237 -17.87 6.11 8.67
C THR A 237 -17.97 6.42 10.14
N GLU A 238 -17.25 5.64 10.97
CA GLU A 238 -17.15 5.88 12.40
C GLU A 238 -15.72 6.27 12.76
N LYS A 239 -15.58 7.36 13.53
CA LYS A 239 -14.28 7.89 13.94
C LYS A 239 -14.06 7.70 15.43
N ILE A 240 -12.89 7.14 15.79
CA ILE A 240 -12.50 6.91 17.17
C ILE A 240 -11.24 7.68 17.49
N LEU A 241 -11.31 8.53 18.52
CA LEU A 241 -10.17 9.30 19.01
C LEU A 241 -9.50 8.46 20.10
N LEU A 242 -8.32 7.89 19.80
CA LEU A 242 -7.59 7.05 20.74
C LEU A 242 -7.04 7.86 21.90
N GLU A 243 -7.22 7.35 23.14
CA GLU A 243 -6.88 8.03 24.38
C GLU A 243 -5.41 8.39 24.60
N ASP A 244 -4.51 7.43 24.39
CA ASP A 244 -3.09 7.62 24.62
C ASP A 244 -2.21 6.81 23.67
N ALA A 245 -0.89 7.01 23.77
CA ALA A 245 0.11 6.31 22.96
C ALA A 245 0.07 4.80 23.17
N ALA A 246 -0.20 4.36 24.43
CA ALA A 246 -0.30 2.95 24.78
C ALA A 246 -1.47 2.28 24.05
N ALA A 247 -2.59 2.99 23.91
CA ALA A 247 -3.78 2.50 23.21
C ALA A 247 -3.53 2.43 21.70
N VAL A 248 -2.71 3.35 21.18
CA VAL A 248 -2.34 3.40 19.76
C VAL A 248 -1.53 2.14 19.41
N VAL A 249 -0.57 1.76 20.27
CA VAL A 249 0.27 0.57 20.09
C VAL A 249 -0.60 -0.70 20.13
N ASP A 250 -1.55 -0.76 21.07
CA ASP A 250 -2.50 -1.87 21.20
C ASP A 250 -3.29 -2.05 19.91
N THR A 251 -3.78 -0.94 19.31
CA THR A 251 -4.52 -0.95 18.06
C THR A 251 -3.65 -1.49 16.91
N LEU A 252 -2.39 -1.05 16.85
CA LEU A 252 -1.43 -1.49 15.84
C LEU A 252 -1.17 -2.99 15.90
N GLY A 253 -1.09 -3.53 17.12
CA GLY A 253 -0.84 -4.94 17.36
C GLY A 253 -2.05 -5.82 17.15
N ASP A 254 -3.19 -5.42 17.73
CA ASP A 254 -4.43 -6.20 17.66
C ASP A 254 -5.19 -6.00 16.35
N ARG A 255 -5.77 -4.81 16.15
CA ARG A 255 -6.59 -4.49 14.98
C ARG A 255 -5.85 -4.58 13.64
N PHE A 256 -4.60 -4.12 13.61
CA PHE A 256 -3.81 -4.09 12.39
C PHE A 256 -2.90 -5.31 12.17
N GLY A 257 -2.78 -6.16 13.19
CA GLY A 257 -2.02 -7.40 13.15
C GLY A 257 -0.52 -7.25 12.92
N ILE A 258 0.05 -6.14 13.40
CA ILE A 258 1.48 -5.87 13.27
C ILE A 258 2.24 -6.40 14.48
N ASN A 259 3.36 -7.10 14.22
CA ASN A 259 4.25 -7.58 15.26
C ASN A 259 5.05 -6.37 15.77
N VAL A 260 4.47 -5.64 16.74
CA VAL A 260 5.05 -4.43 17.33
C VAL A 260 6.34 -4.67 18.09
N ALA A 261 6.54 -5.91 18.59
CA ALA A 261 7.73 -6.30 19.33
C ALA A 261 8.99 -6.25 18.46
N ASP A 262 8.82 -6.41 17.13
CA ASP A 262 9.91 -6.37 16.16
C ASP A 262 10.58 -4.99 16.10
N VAL A 263 9.80 -3.94 16.34
CA VAL A 263 10.27 -2.54 16.33
C VAL A 263 11.34 -2.31 17.42
N GLY A 264 11.17 -2.96 18.56
CA GLY A 264 12.08 -2.87 19.70
C GLY A 264 11.32 -2.78 21.00
N GLU A 265 11.87 -2.02 21.97
CA GLU A 265 11.24 -1.81 23.27
C GLU A 265 9.99 -0.97 23.08
N ARG A 266 8.86 -1.44 23.62
CA ARG A 266 7.55 -0.78 23.50
C ARG A 266 7.56 0.65 24.04
N GLY A 267 8.34 0.89 25.11
CA GLY A 267 8.49 2.20 25.72
C GLY A 267 8.99 3.26 24.75
N ARG A 268 9.93 2.88 23.87
CA ARG A 268 10.52 3.76 22.86
C ARG A 268 9.52 4.10 21.76
N LEU A 269 8.70 3.11 21.35
CA LEU A 269 7.67 3.31 20.32
C LEU A 269 6.55 4.17 20.86
N GLU A 270 6.13 3.93 22.12
CA GLU A 270 5.10 4.71 22.79
C GLU A 270 5.53 6.17 22.95
N ALA A 271 6.80 6.39 23.35
CA ALA A 271 7.36 7.74 23.52
C ALA A 271 7.46 8.50 22.21
N ARG A 272 7.75 7.79 21.10
CA ARG A 272 7.83 8.39 19.77
C ARG A 272 6.43 8.78 19.30
N ILE A 273 5.43 7.91 19.53
CA ILE A 273 4.04 8.17 19.20
C ILE A 273 3.49 9.33 20.06
N ASP A 274 3.88 9.38 21.34
CA ASP A 274 3.46 10.42 22.26
C ASP A 274 3.97 11.80 21.82
N LYS A 275 5.24 11.89 21.41
CA LYS A 275 5.84 13.15 21.00
C LYS A 275 5.35 13.63 19.62
N VAL A 276 4.97 12.68 18.76
CA VAL A 276 4.56 12.96 17.38
C VAL A 276 3.05 13.17 17.21
N CYS A 277 2.25 12.26 17.78
CA CYS A 277 0.79 12.26 17.62
C CYS A 277 0.06 13.03 18.71
N PHE A 278 0.68 13.18 19.88
CA PHE A 278 0.10 13.87 21.02
C PHE A 278 0.89 15.12 21.36
O P18 B . 2.78 4.20 0.46
C P18 B . 2.84 5.32 -0.02
C1 P18 B . 4.12 5.77 -0.70
C2 P18 B . 5.25 4.77 -0.64
C3 P18 B . 1.68 6.25 0.08
C8 P18 B . 0.51 5.84 0.70
C7 P18 B . -0.56 6.70 0.85
C4 P18 B . 1.75 7.55 -0.41
C5 P18 B . 0.67 8.42 -0.26
C6 P18 B . -0.48 8.00 0.36
#